data_3HJY
#
_entry.id   3HJY
#
_cell.length_a   238.341
_cell.length_b   238.341
_cell.length_c   127.369
_cell.angle_alpha   90.000
_cell.angle_beta   90.000
_cell.angle_gamma   120.000
#
_symmetry.space_group_name_H-M   'P 62 2 2'
#
loop_
_entity.id
_entity.type
_entity.pdbx_description
1 polymer 'pseudouridine synthase CBf5'
2 polymer 'Ribosome biogenesis protein Nop10'
3 polymer "5'-R(*GP*GP*GP*CP*UP*CP*CP*GP*GP*AP*AP*AP*CP*CP*GP*CP*GP*GP*CP*GP*C)-3'"
4 polymer 'RNA (25-MER)'
5 polymer "5'-R(*GP*GP*AP*GP*CP*GP*UP*GP*CP*GP*GP*UP*UP*U)-3'"
#
loop_
_entity_poly.entity_id
_entity_poly.type
_entity_poly.pdbx_seq_one_letter_code
_entity_poly.pdbx_strand_id
1 'polypeptide(L)'
;RILPADIKREVLIKDENAETNPDWGFPPEKRPIEMHIQFGVINLDKPPGPTSHEVVAWIKKILNLEKAGHGGTLDPKVSG
VLPVALEKATRVVQALLPAGKEYVALMHLHGDVPEDKIIQVMKEFEGEIIQRPPLRSAVKRRLRTRKVYYIEVLEIEGRD
VLFRVGVEAGTYIRSLIHHIGLALGVGAHMSELRRTRSGPFKEDETLITLHDLVDYYYFWKEDGIEEYFRKAIQPMEKAV
EHLPKVWIKDSAVAAVTHGADLAVPGIAKLHAGIKRGDLVAIMTLKDELVALGKAMMTSQEMLEKTKGIAVDVEKVFMPR
DWYPKLW
;
A
2 'polypeptide(L)' FRIRKCPKCGRYTLKEVCPVCGEKTKVAHPPRFSPEDPYGEYRRRWKREVLGI B
3 'polyribonucleotide' GGGCUCCGGAAACCGCGGCGC C
4 'polyribonucleotide' GCGCUUCGCUCCCGGAGCCCACACU D
5 'polyribonucleotide' GGAGCGUGCGGUUU E
#
loop_
_chem_comp.id
_chem_comp.type
_chem_comp.name
_chem_comp.formula
A RNA linking ADENOSINE-5'-MONOPHOSPHATE 'C10 H14 N5 O7 P'
C RNA linking CYTIDINE-5'-MONOPHOSPHATE 'C9 H14 N3 O8 P'
G RNA linking GUANOSINE-5'-MONOPHOSPHATE 'C10 H14 N5 O8 P'
U RNA linking URIDINE-5'-MONOPHOSPHATE 'C9 H13 N2 O9 P'
#
# COMPACT_ATOMS: atom_id res chain seq x y z
N ARG A 1 -7.95 -6.16 14.94
CA ARG A 1 -7.36 -5.19 13.94
C ARG A 1 -8.19 -5.07 12.65
N ILE A 2 -9.18 -4.16 12.66
CA ILE A 2 -10.02 -3.89 11.48
C ILE A 2 -10.06 -2.41 11.07
N LEU A 3 -9.64 -2.16 9.83
CA LEU A 3 -9.70 -0.86 9.16
C LEU A 3 -10.92 -0.79 8.21
N PRO A 4 -11.13 0.35 7.51
CA PRO A 4 -12.31 0.46 6.65
C PRO A 4 -12.24 -0.34 5.34
N ALA A 5 -11.12 -0.99 5.07
CA ALA A 5 -10.90 -1.64 3.78
C ALA A 5 -10.96 -3.17 3.85
N ASP A 6 -11.11 -3.71 5.05
CA ASP A 6 -11.11 -5.16 5.24
C ASP A 6 -12.51 -5.77 5.42
N ILE A 7 -13.52 -5.07 4.90
CA ILE A 7 -14.86 -5.62 4.84
C ILE A 7 -15.11 -6.20 3.45
N LYS A 8 -15.43 -7.49 3.41
CA LYS A 8 -15.59 -8.23 2.15
C LYS A 8 -16.92 -7.87 1.48
N ARG A 9 -16.89 -7.68 0.17
CA ARG A 9 -18.08 -7.39 -0.63
C ARG A 9 -18.59 -8.67 -1.30
N GLU A 10 -19.74 -8.59 -1.97
CA GLU A 10 -20.20 -9.68 -2.84
C GLU A 10 -19.90 -9.31 -4.30
N VAL A 11 -19.63 -10.32 -5.12
CA VAL A 11 -19.44 -10.13 -6.56
C VAL A 11 -20.77 -10.18 -7.31
N LEU A 12 -21.36 -9.01 -7.57
CA LEU A 12 -22.68 -8.91 -8.21
C LEU A 12 -22.61 -9.10 -9.72
N ILE A 13 -23.44 -10.00 -10.25
CA ILE A 13 -23.39 -10.42 -11.65
C ILE A 13 -24.49 -9.78 -12.51
N LYS A 14 -24.09 -9.14 -13.61
CA LYS A 14 -25.00 -8.46 -14.52
C LYS A 14 -25.23 -9.29 -15.78
N ASP A 15 -24.13 -9.64 -16.45
CA ASP A 15 -24.18 -10.53 -17.60
C ASP A 15 -23.71 -11.92 -17.15
N GLU A 16 -24.68 -12.75 -16.76
CA GLU A 16 -24.43 -14.04 -16.08
C GLU A 16 -23.48 -14.97 -16.85
N ASN A 17 -23.42 -14.78 -18.16
CA ASN A 17 -22.51 -15.54 -19.02
C ASN A 17 -21.88 -14.65 -20.09
N ALA A 18 -20.71 -14.11 -19.78
CA ALA A 18 -19.95 -13.30 -20.72
C ALA A 18 -18.54 -13.84 -20.83
N GLU A 19 -17.85 -13.49 -21.92
CA GLU A 19 -16.52 -14.03 -22.22
C GLU A 19 -15.60 -12.98 -22.83
N THR A 20 -14.29 -13.16 -22.62
CA THR A 20 -13.28 -12.26 -23.22
C THR A 20 -12.27 -13.00 -24.08
N ASN A 21 -11.99 -12.41 -25.24
CA ASN A 21 -11.00 -12.96 -26.17
C ASN A 21 -9.59 -12.62 -25.72
N PRO A 22 -8.77 -13.65 -25.45
CA PRO A 22 -7.37 -13.44 -25.05
C PRO A 22 -6.54 -12.59 -26.03
N ASP A 23 -6.82 -12.73 -27.33
CA ASP A 23 -6.02 -12.10 -28.39
C ASP A 23 -5.65 -10.64 -28.18
N TRP A 24 -6.55 -9.83 -27.61
CA TRP A 24 -6.22 -8.44 -27.31
C TRP A 24 -6.23 -8.15 -25.81
N GLY A 25 -5.07 -8.32 -25.18
CA GLY A 25 -4.96 -8.01 -23.76
C GLY A 25 -3.72 -8.58 -23.10
N PHE A 26 -3.41 -8.03 -21.93
CA PHE A 26 -2.28 -8.48 -21.13
C PHE A 26 -2.74 -8.56 -19.69
N PRO A 27 -3.07 -9.75 -19.21
CA PRO A 27 -3.45 -9.96 -17.82
C PRO A 27 -2.26 -9.69 -16.90
N PRO A 28 -2.51 -9.37 -15.61
CA PRO A 28 -1.37 -8.97 -14.77
C PRO A 28 -0.33 -10.07 -14.79
N GLU A 29 -0.82 -11.31 -14.73
CA GLU A 29 0.02 -12.51 -14.67
C GLU A 29 1.14 -12.49 -15.69
N LYS A 30 0.80 -12.74 -16.96
CA LYS A 30 1.83 -12.88 -17.98
C LYS A 30 1.93 -11.67 -18.90
N ARG A 31 2.51 -10.61 -18.36
CA ARG A 31 2.96 -9.50 -19.18
C ARG A 31 4.46 -9.67 -19.33
N PRO A 32 5.01 -9.29 -20.50
CA PRO A 32 6.45 -9.35 -20.75
C PRO A 32 7.20 -8.47 -19.76
N ILE A 33 8.29 -9.01 -19.22
CA ILE A 33 8.98 -8.34 -18.14
C ILE A 33 9.12 -6.84 -18.36
N GLU A 34 9.56 -6.45 -19.55
CA GLU A 34 9.87 -5.05 -19.83
C GLU A 34 8.68 -4.10 -19.69
N MET A 35 7.47 -4.65 -19.74
CA MET A 35 6.26 -3.82 -19.66
C MET A 35 5.59 -3.99 -18.31
N HIS A 36 5.90 -5.10 -17.65
CA HIS A 36 5.46 -5.33 -16.28
C HIS A 36 5.98 -4.18 -15.40
N ILE A 37 7.17 -3.68 -15.74
CA ILE A 37 7.76 -2.52 -15.11
C ILE A 37 6.99 -1.26 -15.48
N GLN A 38 6.79 -1.03 -16.77
CA GLN A 38 6.02 0.13 -17.21
C GLN A 38 4.72 0.30 -16.42
N PHE A 39 4.22 -0.83 -15.91
CA PHE A 39 2.93 -0.86 -15.24
C PHE A 39 2.95 -1.45 -13.84
N GLY A 40 4.09 -1.29 -13.17
CA GLY A 40 4.25 -1.82 -11.83
C GLY A 40 4.35 -0.77 -10.74
N VAL A 41 4.10 -1.24 -9.52
CA VAL A 41 4.42 -0.49 -8.33
C VAL A 41 5.19 -1.41 -7.38
N ILE A 42 6.32 -0.94 -6.85
CA ILE A 42 7.03 -1.74 -5.85
C ILE A 42 6.51 -1.44 -4.44
N ASN A 43 6.22 -2.51 -3.71
CA ASN A 43 5.93 -2.37 -2.32
C ASN A 43 7.28 -2.13 -1.65
N LEU A 44 7.65 -0.87 -1.41
CA LEU A 44 8.98 -0.64 -0.82
C LEU A 44 8.96 -0.65 0.69
N ASP A 45 10.00 -1.23 1.29
CA ASP A 45 10.30 -0.98 2.72
C ASP A 45 11.38 0.13 2.83
N LYS A 46 10.91 1.34 3.06
CA LYS A 46 11.77 2.49 3.21
C LYS A 46 12.66 2.32 4.40
N PRO A 47 13.96 2.43 4.20
CA PRO A 47 14.90 2.51 5.31
C PRO A 47 14.72 3.84 5.97
N PRO A 48 15.21 3.98 7.19
CA PRO A 48 15.31 5.27 7.84
C PRO A 48 16.36 6.00 7.10
N GLY A 49 16.39 7.32 7.22
CA GLY A 49 17.52 8.12 6.68
C GLY A 49 17.14 9.11 5.58
N PRO A 50 16.97 8.59 4.37
CA PRO A 50 16.45 9.34 3.25
C PRO A 50 15.05 9.78 3.49
N THR A 51 14.75 11.04 3.18
CA THR A 51 13.37 11.44 2.92
C THR A 51 12.64 10.51 1.93
N SER A 52 11.33 10.53 1.96
CA SER A 52 10.61 9.59 1.16
C SER A 52 10.79 9.80 -0.31
N HIS A 53 10.96 11.04 -0.72
CA HIS A 53 11.10 11.23 -2.16
C HIS A 53 12.50 10.86 -2.59
N GLU A 54 13.47 11.16 -1.73
CA GLU A 54 14.87 10.92 -2.03
C GLU A 54 15.14 9.43 -2.20
N VAL A 55 14.21 8.60 -1.71
CA VAL A 55 14.29 7.18 -1.95
C VAL A 55 13.93 6.97 -3.37
N VAL A 56 12.72 7.37 -3.74
CA VAL A 56 12.22 7.25 -5.12
C VAL A 56 13.27 7.73 -6.09
N ALA A 57 13.90 8.83 -5.71
CA ALA A 57 15.09 9.33 -6.37
C ALA A 57 16.02 8.20 -6.78
N TRP A 58 16.57 7.48 -5.80
CA TRP A 58 17.49 6.40 -6.11
C TRP A 58 16.81 5.26 -6.85
N ILE A 59 15.54 4.98 -6.58
CA ILE A 59 14.90 3.87 -7.27
C ILE A 59 14.95 4.13 -8.75
N LYS A 60 14.63 5.37 -9.14
CA LYS A 60 14.74 5.78 -10.54
C LYS A 60 16.12 5.43 -11.10
N LYS A 61 17.15 6.14 -10.62
CA LYS A 61 18.51 6.06 -11.17
C LYS A 61 18.92 4.62 -11.31
N ILE A 62 18.83 3.89 -10.20
CA ILE A 62 19.39 2.57 -10.12
C ILE A 62 18.69 1.59 -11.07
N LEU A 63 17.45 1.87 -11.43
CA LEU A 63 16.72 0.97 -12.32
C LEU A 63 16.56 1.58 -13.69
N ASN A 64 17.37 2.61 -13.99
CA ASN A 64 17.18 3.46 -15.19
C ASN A 64 15.69 3.57 -15.57
N LEU A 65 14.92 4.08 -14.63
CA LEU A 65 13.54 4.42 -14.83
C LEU A 65 13.50 5.91 -15.08
N GLU A 66 12.50 6.32 -15.83
CA GLU A 66 12.17 7.73 -15.95
C GLU A 66 10.77 7.81 -15.40
N LYS A 67 10.50 8.83 -14.57
CA LYS A 67 9.19 8.96 -13.88
C LYS A 67 8.74 7.76 -13.01
N ALA A 68 8.87 7.95 -11.69
CA ALA A 68 8.23 7.08 -10.72
C ALA A 68 7.86 7.91 -9.48
N GLY A 69 6.82 7.49 -8.77
CA GLY A 69 6.34 8.23 -7.60
C GLY A 69 5.98 7.33 -6.44
N HIS A 70 5.72 7.96 -5.29
CA HIS A 70 5.47 7.21 -4.07
C HIS A 70 4.11 7.54 -3.47
N GLY A 71 3.69 6.70 -2.52
CA GLY A 71 2.42 6.84 -1.78
C GLY A 71 2.43 7.92 -0.71
N GLY A 72 1.91 7.59 0.47
CA GLY A 72 1.90 8.57 1.56
C GLY A 72 3.30 8.97 1.99
N THR A 73 3.61 10.24 1.88
CA THR A 73 4.96 10.68 2.17
C THR A 73 5.35 10.23 3.56
N LEU A 74 6.23 9.26 3.62
CA LEU A 74 6.82 8.81 4.88
C LEU A 74 8.09 9.61 5.20
N ASP A 75 8.14 10.19 6.40
CA ASP A 75 9.21 11.14 6.77
C ASP A 75 10.57 10.46 6.83
N PRO A 76 11.64 11.24 7.03
CA PRO A 76 13.00 10.77 7.06
C PRO A 76 13.22 9.53 7.89
N LYS A 77 12.72 9.58 9.12
CA LYS A 77 13.12 8.62 10.12
C LYS A 77 12.19 7.42 10.23
N VAL A 78 10.99 7.55 9.70
CA VAL A 78 10.07 6.45 9.70
C VAL A 78 10.55 5.40 8.75
N SER A 79 10.37 4.13 9.07
CA SER A 79 10.71 3.08 8.15
C SER A 79 9.42 2.51 7.69
N GLY A 80 9.46 1.40 6.94
CA GLY A 80 8.21 0.76 6.52
C GLY A 80 7.60 0.93 5.13
N VAL A 81 6.30 0.71 5.02
CA VAL A 81 5.64 0.54 3.73
C VAL A 81 5.42 1.81 2.96
N LEU A 82 6.05 1.85 1.80
CA LEU A 82 6.12 3.04 0.97
C LEU A 82 5.90 2.64 -0.47
N PRO A 83 4.64 2.58 -0.91
CA PRO A 83 4.40 2.07 -2.25
C PRO A 83 5.03 3.06 -3.20
N VAL A 84 5.80 2.54 -4.15
CA VAL A 84 6.44 3.41 -5.11
C VAL A 84 5.97 2.88 -6.42
N ALA A 85 5.22 3.72 -7.13
CA ALA A 85 4.67 3.37 -8.44
C ALA A 85 5.50 3.87 -9.63
N LEU A 86 5.68 3.00 -10.60
CA LEU A 86 6.64 3.16 -11.67
C LEU A 86 6.08 3.68 -12.99
N GLU A 87 6.96 4.17 -13.86
CA GLU A 87 6.63 4.47 -15.25
C GLU A 87 5.20 4.95 -15.47
N LYS A 88 4.45 4.25 -16.31
CA LYS A 88 3.11 4.70 -16.74
C LYS A 88 2.06 4.54 -15.65
N ALA A 89 2.36 3.66 -14.70
CA ALA A 89 1.50 3.39 -13.58
C ALA A 89 1.60 4.47 -12.52
N THR A 90 2.49 5.43 -12.70
CA THR A 90 2.73 6.40 -11.66
C THR A 90 1.47 6.87 -10.94
N ARG A 91 0.52 7.40 -11.68
CA ARG A 91 -0.62 7.98 -10.99
C ARG A 91 -1.51 7.03 -10.19
N VAL A 92 -1.26 5.71 -10.16
CA VAL A 92 -2.17 4.85 -9.42
C VAL A 92 -2.11 5.29 -8.00
N VAL A 93 -1.02 5.97 -7.66
CA VAL A 93 -0.85 6.52 -6.32
C VAL A 93 -2.09 7.27 -5.81
N GLN A 94 -2.72 8.04 -6.69
CA GLN A 94 -4.07 8.54 -6.46
C GLN A 94 -4.95 7.59 -5.67
N ALA A 95 -5.02 6.34 -6.13
CA ALA A 95 -5.82 5.31 -5.46
C ALA A 95 -5.41 5.16 -4.02
N LEU A 96 -4.10 5.04 -3.80
CA LEU A 96 -3.58 4.80 -2.47
C LEU A 96 -3.94 5.91 -1.52
N LEU A 97 -3.74 7.16 -1.93
CA LEU A 97 -3.76 8.30 -1.01
C LEU A 97 -4.80 8.26 0.11
N PRO A 98 -6.10 8.16 -0.24
CA PRO A 98 -7.12 8.20 0.81
C PRO A 98 -7.59 6.80 1.27
N ALA A 99 -6.63 5.99 1.70
CA ALA A 99 -6.92 4.66 2.23
C ALA A 99 -6.40 4.57 3.65
N GLY A 100 -6.65 3.44 4.30
CA GLY A 100 -6.10 3.20 5.65
C GLY A 100 -4.59 3.23 5.73
N LYS A 101 -4.07 3.25 6.95
CA LYS A 101 -2.63 3.18 7.20
C LYS A 101 -2.45 2.64 8.61
N GLU A 102 -1.58 1.63 8.78
CA GLU A 102 -1.31 1.08 10.10
C GLU A 102 0.13 1.31 10.43
N TYR A 103 0.41 1.68 11.69
CA TYR A 103 1.76 1.91 12.16
C TYR A 103 2.07 1.12 13.41
N VAL A 104 3.34 0.79 13.60
CA VAL A 104 3.82 0.35 14.90
C VAL A 104 4.57 1.51 15.48
N ALA A 105 4.27 1.86 16.72
CA ALA A 105 4.85 3.06 17.32
C ALA A 105 5.72 2.75 18.52
N LEU A 106 6.38 3.76 19.06
CA LEU A 106 7.04 3.62 20.34
C LEU A 106 7.10 4.93 21.07
N MET A 107 5.97 5.34 21.60
CA MET A 107 5.83 6.53 22.43
C MET A 107 6.70 6.42 23.65
N HIS A 108 7.25 7.54 24.12
CA HIS A 108 8.03 7.53 25.35
C HIS A 108 7.64 8.64 26.31
N LEU A 109 7.03 8.24 27.43
CA LEU A 109 6.45 9.16 28.39
C LEU A 109 7.49 10.00 29.15
N HIS A 110 7.17 11.27 29.36
CA HIS A 110 8.07 12.17 30.07
C HIS A 110 7.83 12.12 31.57
N GLY A 111 7.41 10.96 32.06
CA GLY A 111 7.14 10.74 33.49
C GLY A 111 6.33 9.48 33.76
N ASP A 112 6.48 8.93 34.95
CA ASP A 112 5.86 7.64 35.27
C ASP A 112 4.33 7.66 35.37
N VAL A 113 3.71 6.52 35.08
CA VAL A 113 2.27 6.36 35.28
C VAL A 113 1.87 4.87 35.24
N PRO A 114 1.07 4.43 36.22
CA PRO A 114 0.31 3.20 36.34
C PRO A 114 -0.08 2.55 35.04
N GLU A 115 0.49 1.37 34.82
CA GLU A 115 0.40 0.60 33.58
C GLU A 115 -0.98 0.63 32.97
N ASP A 116 -1.98 0.31 33.77
CA ASP A 116 -3.34 0.22 33.30
C ASP A 116 -3.88 1.57 32.88
N LYS A 117 -3.36 2.66 33.45
CA LYS A 117 -3.87 3.98 33.11
C LYS A 117 -3.47 4.26 31.67
N ILE A 118 -2.21 3.99 31.36
CA ILE A 118 -1.72 4.08 29.99
C ILE A 118 -2.68 3.36 29.04
N ILE A 119 -2.97 2.10 29.36
CA ILE A 119 -3.90 1.27 28.59
C ILE A 119 -5.29 1.92 28.53
N GLN A 120 -5.84 2.23 29.71
CA GLN A 120 -7.14 2.90 29.84
C GLN A 120 -7.22 4.13 28.93
N VAL A 121 -6.20 4.98 29.00
CA VAL A 121 -6.19 6.24 28.27
C VAL A 121 -6.05 6.07 26.76
N MET A 122 -5.12 5.21 26.36
CA MET A 122 -4.91 5.02 24.95
C MET A 122 -6.15 4.42 24.34
N LYS A 123 -6.76 3.44 25.00
CA LYS A 123 -8.02 2.90 24.53
C LYS A 123 -9.10 3.98 24.45
N GLU A 124 -8.87 5.11 25.12
CA GLU A 124 -9.82 6.19 25.09
C GLU A 124 -9.96 6.74 23.67
N PHE A 125 -8.89 6.60 22.88
CA PHE A 125 -8.83 7.25 21.57
C PHE A 125 -9.60 6.52 20.47
N GLU A 126 -9.70 5.19 20.58
CA GLU A 126 -10.40 4.37 19.58
C GLU A 126 -11.74 4.97 19.16
N GLY A 127 -11.72 5.75 18.09
CA GLY A 127 -12.85 6.55 17.67
C GLY A 127 -12.36 7.81 16.97
N GLU A 128 -13.15 8.88 17.03
CA GLU A 128 -12.80 10.16 16.38
C GLU A 128 -11.92 11.08 17.24
N ILE A 129 -10.90 11.69 16.63
CA ILE A 129 -10.07 12.71 17.32
C ILE A 129 -10.07 14.09 16.64
N ILE A 130 -10.12 15.14 17.47
CA ILE A 130 -9.87 16.52 17.05
C ILE A 130 -8.41 16.84 17.39
N GLN A 131 -7.63 17.17 16.36
CA GLN A 131 -6.16 17.31 16.45
C GLN A 131 -5.68 18.53 17.28
N ARG A 132 -4.95 18.23 18.36
CA ARG A 132 -4.37 19.25 19.26
C ARG A 132 -2.86 19.02 19.43
N PRO A 133 -2.04 19.67 18.57
CA PRO A 133 -0.57 19.71 18.74
C PRO A 133 -0.17 20.74 19.83
N PRO A 134 1.14 21.10 19.91
CA PRO A 134 1.54 22.12 20.92
C PRO A 134 0.95 23.53 20.68
N LEU A 135 0.96 24.35 21.72
CA LEU A 135 0.49 25.74 21.67
C LEU A 135 1.55 26.66 21.02
N LEU A 143 -8.30 23.35 11.51
CA LEU A 143 -9.11 22.47 12.38
C LEU A 143 -9.94 21.44 11.59
N ARG A 144 -9.55 20.17 11.73
CA ARG A 144 -10.14 19.06 10.99
C ARG A 144 -10.06 17.75 11.79
N THR A 145 -11.15 16.98 11.79
CA THR A 145 -11.22 15.73 12.57
C THR A 145 -10.75 14.49 11.79
N ARG A 146 -10.13 13.56 12.52
CA ARG A 146 -9.45 12.40 11.96
C ARG A 146 -9.76 11.14 12.79
N LYS A 147 -9.98 10.02 12.11
CA LYS A 147 -10.31 8.77 12.80
C LYS A 147 -9.09 7.93 13.20
N VAL A 148 -9.15 7.34 14.38
CA VAL A 148 -8.17 6.35 14.82
C VAL A 148 -8.90 5.01 14.88
N TYR A 149 -8.78 4.22 13.83
CA TYR A 149 -9.57 3.01 13.74
C TYR A 149 -9.35 2.03 14.88
N TYR A 150 -8.17 2.05 15.48
CA TYR A 150 -7.89 1.22 16.64
C TYR A 150 -6.50 1.42 17.15
N ILE A 151 -6.32 1.31 18.46
CA ILE A 151 -4.99 1.32 19.02
C ILE A 151 -4.82 -0.03 19.65
N GLU A 152 -3.61 -0.59 19.60
CA GLU A 152 -3.36 -1.84 20.29
C GLU A 152 -2.03 -1.76 21.00
N VAL A 153 -2.04 -1.79 22.32
CA VAL A 153 -0.78 -1.70 23.06
C VAL A 153 -0.08 -3.04 23.15
N LEU A 154 1.11 -3.15 22.56
CA LEU A 154 1.86 -4.41 22.63
C LEU A 154 2.54 -4.61 23.97
N GLU A 155 3.48 -3.72 24.29
CA GLU A 155 4.28 -3.86 25.49
C GLU A 155 4.50 -2.51 26.15
N ILE A 156 4.58 -2.53 27.49
CA ILE A 156 4.95 -1.36 28.32
C ILE A 156 6.18 -1.67 29.19
N GLU A 157 7.29 -0.99 28.91
CA GLU A 157 8.48 -1.09 29.78
C GLU A 157 8.94 0.26 30.32
N GLY A 158 8.66 0.49 31.59
CA GLY A 158 8.94 1.76 32.23
C GLY A 158 8.05 2.84 31.64
N ARG A 159 8.66 3.76 30.91
CA ARG A 159 7.91 4.81 30.24
C ARG A 159 7.83 4.56 28.75
N ASP A 160 8.32 3.42 28.29
CA ASP A 160 8.23 3.11 26.87
C ASP A 160 6.95 2.32 26.60
N VAL A 161 6.22 2.72 25.56
CA VAL A 161 4.97 2.07 25.26
C VAL A 161 4.95 1.70 23.81
N LEU A 162 5.21 0.46 23.50
CA LEU A 162 5.22 0.04 22.12
C LEU A 162 3.80 -0.29 21.71
N PHE A 163 3.22 0.44 20.77
CA PHE A 163 1.92 -0.01 20.23
C PHE A 163 1.76 0.00 18.74
N ARG A 164 0.69 -0.63 18.27
CA ARG A 164 0.28 -0.53 16.87
C ARG A 164 -0.89 0.40 16.87
N VAL A 165 -1.27 0.94 15.70
CA VAL A 165 -2.46 1.79 15.58
C VAL A 165 -2.85 1.93 14.14
N GLY A 166 -4.14 1.99 13.85
CA GLY A 166 -4.60 2.18 12.49
C GLY A 166 -5.24 3.54 12.36
N VAL A 167 -5.03 4.21 11.24
CA VAL A 167 -5.56 5.56 11.11
C VAL A 167 -6.03 5.86 9.72
N GLU A 168 -6.84 6.92 9.65
CA GLU A 168 -7.43 7.43 8.45
C GLU A 168 -6.37 8.26 7.83
N ALA A 169 -6.35 8.27 6.50
CA ALA A 169 -5.37 9.00 5.70
C ALA A 169 -5.01 10.34 6.32
N GLY A 170 -3.71 10.57 6.46
CA GLY A 170 -3.21 11.84 6.95
C GLY A 170 -3.58 12.14 8.39
N THR A 171 -3.37 11.14 9.25
CA THR A 171 -3.22 11.38 10.67
C THR A 171 -1.74 11.46 10.80
N TYR A 172 -1.27 12.33 11.67
CA TYR A 172 0.14 12.35 11.98
C TYR A 172 0.35 11.60 13.28
N ILE A 173 1.10 10.50 13.27
CA ILE A 173 1.23 9.74 14.51
C ILE A 173 1.93 10.58 15.58
N ARG A 174 2.94 11.36 15.22
CA ARG A 174 3.61 12.24 16.20
C ARG A 174 2.56 12.92 17.07
N SER A 175 1.56 13.52 16.43
CA SER A 175 0.51 14.25 17.15
C SER A 175 -0.30 13.35 18.06
N LEU A 176 -0.89 12.30 17.47
CA LEU A 176 -1.62 11.29 18.23
C LEU A 176 -0.91 10.98 19.52
N ILE A 177 0.41 10.89 19.44
CA ILE A 177 1.21 10.61 20.60
C ILE A 177 1.29 11.82 21.50
N HIS A 178 1.71 12.95 20.96
CA HIS A 178 1.80 14.16 21.77
C HIS A 178 0.50 14.36 22.57
N HIS A 179 -0.60 14.01 21.91
CA HIS A 179 -1.93 14.15 22.46
C HIS A 179 -2.09 13.24 23.67
N ILE A 180 -1.97 11.93 23.44
CA ILE A 180 -1.90 10.95 24.52
C ILE A 180 -1.02 11.50 25.61
N GLY A 181 0.16 11.99 25.22
CA GLY A 181 1.11 12.62 26.13
C GLY A 181 0.41 13.53 27.11
N LEU A 182 -0.34 14.49 26.58
CA LEU A 182 -1.08 15.41 27.43
C LEU A 182 -2.19 14.68 28.15
N ALA A 183 -2.97 13.89 27.42
CA ALA A 183 -4.05 13.08 28.01
C ALA A 183 -3.57 12.41 29.28
N LEU A 184 -2.45 11.68 29.15
CA LEU A 184 -1.88 10.92 30.24
C LEU A 184 -1.35 11.74 31.39
N GLY A 185 -1.25 13.05 31.19
CA GLY A 185 -0.80 13.93 32.25
C GLY A 185 0.68 14.27 32.16
N VAL A 186 1.53 13.26 32.12
CA VAL A 186 2.98 13.48 32.12
C VAL A 186 3.57 14.18 30.89
N GLY A 187 2.93 14.02 29.74
CA GLY A 187 3.54 14.40 28.46
C GLY A 187 4.43 13.28 27.95
N ALA A 188 4.44 13.09 26.62
CA ALA A 188 5.23 12.03 26.01
C ALA A 188 5.73 12.48 24.65
N HIS A 189 6.81 11.88 24.16
CA HIS A 189 7.27 12.12 22.78
C HIS A 189 7.34 10.80 22.02
N MET A 190 7.17 10.84 20.69
CA MET A 190 7.27 9.63 19.88
C MET A 190 8.73 9.27 19.62
N SER A 191 9.09 8.03 19.89
CA SER A 191 10.49 7.67 19.92
C SER A 191 10.95 7.01 18.67
N GLU A 192 10.10 6.18 18.08
CA GLU A 192 10.43 5.38 16.90
C GLU A 192 9.12 5.07 16.20
N LEU A 193 9.13 4.99 14.88
CA LEU A 193 7.90 4.74 14.12
C LEU A 193 8.16 3.84 12.91
N ARG A 194 7.12 3.28 12.32
CA ARG A 194 7.29 2.32 11.23
C ARG A 194 5.93 2.11 10.66
N ARG A 195 5.82 2.12 9.35
CA ARG A 195 4.51 1.92 8.79
C ARG A 195 4.41 0.48 8.36
N THR A 196 3.30 -0.12 8.76
CA THR A 196 3.04 -1.54 8.70
C THR A 196 2.21 -1.81 7.50
N ARG A 197 1.33 -0.87 7.15
CA ARG A 197 0.60 -0.99 5.90
C ARG A 197 0.03 0.32 5.43
N SER A 198 0.16 0.59 4.14
CA SER A 198 -0.66 1.62 3.52
C SER A 198 -1.69 0.90 2.69
N GLY A 199 -2.93 0.94 3.18
CA GLY A 199 -4.09 0.47 2.43
C GLY A 199 -3.96 -0.96 1.92
N PRO A 200 -3.77 -1.12 0.60
CA PRO A 200 -3.73 -2.45 0.03
C PRO A 200 -2.31 -3.00 0.05
N PHE A 201 -1.35 -2.16 0.42
CA PHE A 201 0.04 -2.60 0.54
C PHE A 201 0.41 -3.00 1.96
N LYS A 202 0.44 -4.31 2.18
CA LYS A 202 0.65 -4.86 3.51
C LYS A 202 2.11 -5.25 3.68
N GLU A 203 2.49 -5.67 4.89
CA GLU A 203 3.87 -6.03 5.21
C GLU A 203 4.08 -7.52 4.96
N ASP A 204 3.61 -7.99 3.81
CA ASP A 204 3.56 -9.42 3.54
C ASP A 204 4.84 -9.88 2.86
N GLU A 205 4.72 -10.85 1.96
CA GLU A 205 5.86 -11.37 1.18
C GLU A 205 6.24 -10.46 0.00
N THR A 206 5.37 -9.53 -0.34
CA THR A 206 5.64 -8.65 -1.46
C THR A 206 6.41 -7.39 -1.06
N LEU A 207 6.46 -7.08 0.22
CA LEU A 207 7.21 -5.92 0.70
C LEU A 207 8.68 -6.22 0.54
N ILE A 208 9.41 -5.38 -0.22
CA ILE A 208 10.87 -5.58 -0.37
C ILE A 208 11.75 -4.36 -0.17
N THR A 209 12.96 -4.66 0.30
CA THR A 209 13.90 -3.65 0.73
C THR A 209 14.71 -3.18 -0.42
N LEU A 210 15.08 -1.91 -0.39
CA LEU A 210 15.93 -1.31 -1.42
C LEU A 210 16.92 -2.35 -1.90
N HIS A 211 17.87 -2.70 -1.03
CA HIS A 211 18.88 -3.68 -1.32
C HIS A 211 18.38 -4.89 -2.09
N ASP A 212 17.38 -5.58 -1.58
CA ASP A 212 16.86 -6.71 -2.33
C ASP A 212 16.51 -6.27 -3.74
N LEU A 213 15.81 -5.13 -3.85
CA LEU A 213 15.36 -4.59 -5.13
C LEU A 213 16.52 -4.44 -6.09
N VAL A 214 17.51 -3.66 -5.71
CA VAL A 214 18.67 -3.48 -6.54
C VAL A 214 19.31 -4.84 -6.84
N ASP A 215 19.83 -5.54 -5.85
CA ASP A 215 20.41 -6.87 -6.12
C ASP A 215 19.59 -7.74 -7.10
N TYR A 216 18.27 -7.69 -7.04
CA TYR A 216 17.48 -8.53 -7.94
C TYR A 216 17.54 -7.96 -9.32
N TYR A 217 17.53 -6.63 -9.41
CA TYR A 217 17.61 -5.95 -10.69
C TYR A 217 18.94 -6.24 -11.37
N TYR A 218 20.01 -6.24 -10.59
CA TYR A 218 21.28 -6.62 -11.16
C TYR A 218 21.27 -8.06 -11.59
N PHE A 219 20.59 -8.93 -10.84
CA PHE A 219 20.50 -10.33 -11.28
C PHE A 219 19.84 -10.39 -12.64
N TRP A 220 19.15 -9.32 -13.00
CA TRP A 220 18.43 -9.31 -14.22
C TRP A 220 19.26 -8.74 -15.35
N LYS A 221 20.09 -7.74 -15.08
CA LYS A 221 20.86 -7.14 -16.16
C LYS A 221 22.19 -7.84 -16.39
N GLU A 222 23.03 -7.89 -15.36
CA GLU A 222 24.28 -8.65 -15.40
C GLU A 222 24.03 -10.13 -15.71
N ASP A 223 23.01 -10.70 -15.06
CA ASP A 223 22.82 -12.16 -15.00
C ASP A 223 21.66 -12.75 -15.80
N GLY A 224 20.76 -11.90 -16.26
CA GLY A 224 19.69 -12.33 -17.13
C GLY A 224 18.63 -13.22 -16.51
N ILE A 225 18.57 -13.28 -15.17
CA ILE A 225 17.47 -13.93 -14.47
C ILE A 225 16.32 -12.94 -14.24
N GLU A 226 15.16 -13.30 -14.78
CA GLU A 226 13.97 -12.46 -14.70
C GLU A 226 13.27 -12.65 -13.35
N GLU A 227 13.00 -13.91 -13.02
CA GLU A 227 12.27 -14.32 -11.82
C GLU A 227 12.28 -13.29 -10.69
N TYR A 228 13.44 -13.15 -10.05
CA TYR A 228 13.58 -12.40 -8.80
C TYR A 228 13.14 -10.96 -8.95
N PHE A 229 13.70 -10.28 -9.93
CA PHE A 229 13.36 -8.88 -10.15
C PHE A 229 11.93 -8.66 -10.64
N ARG A 230 11.25 -9.71 -11.06
CA ARG A 230 9.82 -9.61 -11.34
C ARG A 230 9.03 -9.69 -10.04
N LYS A 231 9.31 -10.71 -9.23
CA LYS A 231 8.61 -10.86 -7.96
C LYS A 231 8.87 -9.65 -7.07
N ALA A 232 9.81 -8.79 -7.48
CA ALA A 232 10.05 -7.55 -6.77
C ALA A 232 8.96 -6.53 -7.04
N ILE A 233 8.53 -6.42 -8.29
CA ILE A 233 7.55 -5.41 -8.67
C ILE A 233 6.14 -5.95 -8.64
N GLN A 234 5.21 -5.14 -8.14
CA GLN A 234 3.82 -5.55 -8.15
C GLN A 234 3.04 -4.88 -9.29
N PRO A 235 2.16 -5.65 -9.95
CA PRO A 235 1.35 -5.13 -11.06
C PRO A 235 0.30 -4.15 -10.58
N MET A 236 0.22 -2.98 -11.23
CA MET A 236 -0.62 -1.86 -10.78
C MET A 236 -1.97 -2.27 -10.23
N GLU A 237 -2.44 -3.44 -10.62
CA GLU A 237 -3.73 -3.93 -10.15
C GLU A 237 -3.78 -4.01 -8.64
N LYS A 238 -2.64 -4.24 -8.02
CA LYS A 238 -2.63 -4.40 -6.58
C LYS A 238 -2.70 -3.03 -5.91
N ALA A 239 -2.63 -1.98 -6.70
CA ALA A 239 -2.71 -0.64 -6.15
C ALA A 239 -4.15 -0.18 -6.02
N VAL A 240 -5.07 -0.92 -6.63
CA VAL A 240 -6.49 -0.59 -6.48
C VAL A 240 -7.26 -1.68 -5.75
N GLU A 241 -6.56 -2.74 -5.34
CA GLU A 241 -7.23 -3.91 -4.75
C GLU A 241 -8.25 -3.49 -3.70
N HIS A 242 -7.94 -2.43 -2.98
CA HIS A 242 -8.78 -1.92 -1.91
C HIS A 242 -10.01 -1.21 -2.40
N LEU A 243 -9.98 -0.70 -3.62
CA LEU A 243 -11.11 0.03 -4.21
C LEU A 243 -12.23 -0.90 -4.66
N PRO A 244 -13.48 -0.39 -4.66
CA PRO A 244 -14.59 -1.18 -5.17
C PRO A 244 -14.52 -1.17 -6.70
N LYS A 245 -14.50 -2.35 -7.29
CA LYS A 245 -14.29 -2.48 -8.71
C LYS A 245 -15.59 -2.79 -9.42
N VAL A 246 -15.65 -2.44 -10.70
CA VAL A 246 -16.70 -2.92 -11.61
C VAL A 246 -16.04 -3.50 -12.86
N TRP A 247 -16.31 -4.77 -13.14
CA TRP A 247 -15.73 -5.43 -14.31
C TRP A 247 -16.57 -5.11 -15.52
N ILE A 248 -15.92 -4.70 -16.60
CA ILE A 248 -16.63 -4.27 -17.79
C ILE A 248 -16.31 -5.16 -18.98
N LYS A 249 -17.32 -5.38 -19.83
CA LYS A 249 -17.20 -6.24 -20.99
C LYS A 249 -16.31 -5.62 -22.06
N ASP A 250 -15.73 -6.49 -22.89
CA ASP A 250 -14.67 -6.18 -23.84
C ASP A 250 -14.84 -4.95 -24.71
N SER A 251 -16.02 -4.80 -25.31
CA SER A 251 -16.25 -3.70 -26.22
C SER A 251 -16.05 -2.35 -25.53
N ALA A 252 -16.65 -2.24 -24.35
CA ALA A 252 -16.58 -1.06 -23.48
C ALA A 252 -15.13 -0.65 -23.12
N VAL A 253 -14.30 -1.65 -22.86
CA VAL A 253 -12.89 -1.43 -22.56
C VAL A 253 -12.29 -0.46 -23.56
N ALA A 254 -12.27 -0.87 -24.81
CA ALA A 254 -11.76 -0.04 -25.87
C ALA A 254 -12.25 1.41 -25.74
N ALA A 255 -13.52 1.57 -25.42
CA ALA A 255 -14.13 2.89 -25.36
C ALA A 255 -13.60 3.74 -24.22
N VAL A 256 -13.80 3.30 -22.97
CA VAL A 256 -13.40 4.10 -21.79
C VAL A 256 -11.96 4.56 -21.94
N THR A 257 -11.16 3.74 -22.60
CA THR A 257 -9.80 4.08 -22.97
C THR A 257 -9.73 5.46 -23.63
N HIS A 258 -10.54 5.65 -24.68
CA HIS A 258 -10.49 6.87 -25.50
C HIS A 258 -11.17 8.10 -24.87
N GLY A 259 -11.81 7.89 -23.71
CA GLY A 259 -12.39 8.99 -22.96
C GLY A 259 -13.89 8.87 -22.84
N ALA A 260 -14.40 7.66 -23.01
CA ALA A 260 -15.82 7.41 -22.84
C ALA A 260 -16.13 7.19 -21.36
N ASP A 261 -17.13 7.90 -20.84
CA ASP A 261 -17.67 7.61 -19.52
C ASP A 261 -18.41 6.28 -19.68
N LEU A 262 -18.23 5.37 -18.73
CA LEU A 262 -18.75 4.03 -18.87
C LEU A 262 -20.21 4.01 -18.57
N ALA A 263 -21.01 3.57 -19.52
CA ALA A 263 -22.46 3.52 -19.38
C ALA A 263 -22.92 2.15 -18.90
N VAL A 264 -24.10 2.12 -18.28
CA VAL A 264 -24.64 0.91 -17.63
C VAL A 264 -24.49 -0.44 -18.37
N PRO A 265 -24.76 -0.48 -19.70
CA PRO A 265 -24.70 -1.81 -20.31
C PRO A 265 -23.30 -2.21 -20.76
N GLY A 266 -22.31 -1.77 -19.99
CA GLY A 266 -20.94 -2.25 -20.16
C GLY A 266 -20.62 -3.21 -19.04
N ILE A 267 -21.34 -3.08 -17.93
CA ILE A 267 -21.04 -3.80 -16.70
C ILE A 267 -21.30 -5.29 -16.81
N ALA A 268 -20.31 -6.08 -16.41
CA ALA A 268 -20.41 -7.52 -16.39
C ALA A 268 -20.54 -8.01 -14.94
N LYS A 269 -19.58 -7.61 -14.11
CA LYS A 269 -19.60 -7.89 -12.68
C LYS A 269 -19.48 -6.59 -11.90
N LEU A 270 -19.91 -6.60 -10.65
CA LEU A 270 -20.02 -5.39 -9.85
C LEU A 270 -19.69 -5.71 -8.40
N HIS A 271 -19.40 -4.68 -7.62
CA HIS A 271 -19.17 -4.88 -6.19
C HIS A 271 -20.33 -4.31 -5.40
N ALA A 272 -20.60 -4.90 -4.24
CA ALA A 272 -21.63 -4.40 -3.32
C ALA A 272 -21.35 -2.96 -2.84
N GLY A 273 -22.38 -2.35 -2.25
CA GLY A 273 -22.24 -1.08 -1.51
C GLY A 273 -21.47 0.08 -2.11
N ILE A 274 -21.61 0.28 -3.42
CA ILE A 274 -21.08 1.48 -4.05
C ILE A 274 -22.09 2.61 -3.82
N LYS A 275 -21.58 3.85 -3.74
CA LYS A 275 -22.45 5.02 -3.62
C LYS A 275 -22.10 6.12 -4.63
N ARG A 276 -22.84 7.21 -4.54
CA ARG A 276 -22.65 8.40 -5.36
C ARG A 276 -21.35 9.10 -4.97
N GLY A 277 -20.43 9.22 -5.93
CA GLY A 277 -19.15 9.93 -5.74
C GLY A 277 -18.04 9.12 -5.08
N ASP A 278 -18.12 7.80 -5.17
CA ASP A 278 -17.09 6.94 -4.61
C ASP A 278 -16.12 6.54 -5.69
N LEU A 279 -14.86 6.44 -5.32
CA LEU A 279 -13.84 6.00 -6.27
C LEU A 279 -14.13 4.57 -6.69
N VAL A 280 -13.86 4.25 -7.95
CA VAL A 280 -14.10 2.91 -8.47
C VAL A 280 -13.02 2.47 -9.41
N ALA A 281 -12.79 1.16 -9.49
CA ALA A 281 -11.82 0.61 -10.43
C ALA A 281 -12.52 -0.13 -11.55
N ILE A 282 -12.44 0.43 -12.75
CA ILE A 282 -12.95 -0.22 -13.94
C ILE A 282 -11.99 -1.34 -14.37
N MET A 283 -12.52 -2.54 -14.52
CA MET A 283 -11.68 -3.71 -14.78
C MET A 283 -12.18 -4.53 -15.96
N THR A 284 -11.26 -5.24 -16.61
CA THR A 284 -11.63 -6.20 -17.66
C THR A 284 -11.93 -7.53 -17.02
N LEU A 285 -12.52 -8.46 -17.78
CA LEU A 285 -12.76 -9.82 -17.26
C LEU A 285 -11.45 -10.58 -17.12
N LYS A 286 -10.38 -9.99 -17.64
CA LYS A 286 -9.01 -10.48 -17.46
C LYS A 286 -8.40 -9.88 -16.19
N ASP A 287 -9.19 -9.04 -15.51
CA ASP A 287 -8.83 -8.50 -14.19
C ASP A 287 -7.67 -7.52 -14.24
N GLU A 288 -7.56 -6.80 -15.36
CA GLU A 288 -6.60 -5.71 -15.50
C GLU A 288 -7.26 -4.34 -15.24
N LEU A 289 -6.48 -3.41 -14.69
CA LEU A 289 -7.00 -2.09 -14.38
C LEU A 289 -7.24 -1.29 -15.64
N VAL A 290 -8.49 -0.84 -15.82
CA VAL A 290 -8.78 -0.02 -16.97
C VAL A 290 -8.69 1.45 -16.64
N ALA A 291 -9.47 1.90 -15.66
CA ALA A 291 -9.44 3.30 -15.28
C ALA A 291 -10.03 3.55 -13.92
N LEU A 292 -9.98 4.79 -13.48
CA LEU A 292 -10.51 5.16 -12.21
C LEU A 292 -11.58 6.20 -12.41
N GLY A 293 -12.61 6.17 -11.59
CA GLY A 293 -13.66 7.18 -11.67
C GLY A 293 -14.47 7.39 -10.41
N LYS A 294 -15.42 8.32 -10.50
CA LYS A 294 -16.45 8.47 -9.49
C LYS A 294 -17.75 7.82 -10.00
N ALA A 295 -18.34 6.94 -9.18
CA ALA A 295 -19.63 6.34 -9.52
C ALA A 295 -20.69 7.42 -9.53
N MET A 296 -21.50 7.42 -10.58
CA MET A 296 -22.61 8.35 -10.71
C MET A 296 -23.93 7.64 -10.43
N MET A 297 -23.82 6.49 -9.75
CA MET A 297 -24.89 5.50 -9.70
C MET A 297 -24.52 4.47 -8.65
N THR A 298 -25.45 4.16 -7.74
CA THR A 298 -25.15 3.20 -6.67
C THR A 298 -25.04 1.77 -7.20
N SER A 299 -24.56 0.87 -6.34
CA SER A 299 -24.37 -0.54 -6.67
C SER A 299 -25.60 -1.12 -7.35
N GLN A 300 -26.70 -1.14 -6.60
CA GLN A 300 -27.95 -1.72 -7.06
C GLN A 300 -28.42 -1.01 -8.33
N GLU A 301 -28.44 0.32 -8.28
CA GLU A 301 -28.85 1.15 -9.40
C GLU A 301 -28.24 0.66 -10.72
N MET A 302 -26.94 0.32 -10.67
CA MET A 302 -26.20 -0.16 -11.83
C MET A 302 -26.64 -1.54 -12.31
N LEU A 303 -27.07 -2.38 -11.38
CA LEU A 303 -27.43 -3.76 -11.71
C LEU A 303 -28.83 -3.89 -12.33
N GLU A 304 -29.78 -3.13 -11.81
CA GLU A 304 -31.18 -3.22 -12.24
C GLU A 304 -31.41 -2.57 -13.59
N LYS A 305 -30.61 -1.53 -13.89
CA LYS A 305 -30.87 -0.65 -15.04
C LYS A 305 -30.17 -1.04 -16.35
N THR A 306 -30.54 -0.33 -17.43
CA THR A 306 -29.82 -0.34 -18.72
C THR A 306 -29.76 1.06 -19.39
N LYS A 307 -30.13 2.07 -18.62
CA LYS A 307 -30.32 3.44 -19.12
C LYS A 307 -29.38 4.41 -18.40
N GLY A 308 -28.58 5.17 -19.15
CA GLY A 308 -27.66 6.18 -18.56
C GLY A 308 -26.22 5.74 -18.33
N ILE A 309 -25.51 6.43 -17.42
CA ILE A 309 -24.09 6.11 -17.16
C ILE A 309 -23.77 5.73 -15.73
N ALA A 310 -22.90 4.73 -15.60
CA ALA A 310 -22.49 4.23 -14.30
C ALA A 310 -21.46 5.13 -13.62
N VAL A 311 -20.30 5.27 -14.25
CA VAL A 311 -19.18 6.02 -13.68
C VAL A 311 -18.64 7.07 -14.65
N ASP A 312 -18.47 8.30 -14.17
CA ASP A 312 -17.69 9.26 -14.91
C ASP A 312 -16.27 8.72 -14.86
N VAL A 313 -15.64 8.63 -16.02
CA VAL A 313 -14.24 8.25 -16.10
C VAL A 313 -13.42 9.52 -15.88
N GLU A 314 -12.37 9.40 -15.06
CA GLU A 314 -11.53 10.56 -14.75
C GLU A 314 -10.01 10.38 -14.91
N LYS A 315 -9.52 9.15 -14.78
CA LYS A 315 -8.12 8.82 -15.09
C LYS A 315 -8.04 7.40 -15.63
N VAL A 316 -7.33 7.21 -16.74
CA VAL A 316 -7.26 5.91 -17.39
C VAL A 316 -5.83 5.40 -17.53
N PHE A 317 -5.60 4.18 -17.09
CA PHE A 317 -4.27 3.61 -17.14
C PHE A 317 -4.06 2.76 -18.36
N MET A 318 -4.97 1.81 -18.58
CA MET A 318 -5.04 1.00 -19.79
C MET A 318 -4.71 1.81 -21.05
N PRO A 319 -3.79 1.29 -21.89
CA PRO A 319 -3.41 1.97 -23.13
C PRO A 319 -4.43 1.67 -24.23
N ARG A 320 -4.31 2.36 -25.36
CA ARG A 320 -5.39 2.30 -26.35
C ARG A 320 -5.39 1.02 -27.20
N ASP A 321 -4.33 0.82 -27.99
CA ASP A 321 -4.18 -0.35 -28.86
C ASP A 321 -4.40 -1.70 -28.17
N TRP A 322 -4.44 -1.67 -26.85
CA TRP A 322 -4.60 -2.86 -26.06
C TRP A 322 -5.92 -3.54 -26.34
N TYR A 323 -6.96 -2.74 -26.56
CA TYR A 323 -8.24 -3.28 -26.99
C TYR A 323 -8.70 -2.64 -28.31
N PRO A 324 -9.30 -3.47 -29.20
CA PRO A 324 -9.69 -2.96 -30.51
C PRO A 324 -10.86 -2.02 -30.32
N LYS A 325 -10.96 -0.98 -31.16
CA LYS A 325 -11.95 0.09 -30.94
C LYS A 325 -13.44 -0.37 -30.86
N LEU A 326 -14.04 -0.78 -31.98
CA LEU A 326 -15.39 -1.39 -32.00
C LEU A 326 -16.50 -0.88 -31.03
N TRP A 327 -17.30 0.10 -31.46
CA TRP A 327 -18.42 0.57 -30.64
C TRP A 327 -19.63 1.12 -31.39
N PHE B 1 16.72 3.12 17.72
CA PHE B 1 15.60 2.25 17.25
C PHE B 1 15.50 1.00 18.09
N ARG B 2 14.40 0.90 18.85
CA ARG B 2 14.28 -0.14 19.85
C ARG B 2 13.36 -1.25 19.38
N ILE B 3 12.30 -0.91 18.64
CA ILE B 3 11.30 -1.85 18.12
C ILE B 3 11.99 -2.95 17.40
N ARG B 4 11.59 -4.19 17.62
CA ARG B 4 12.17 -5.35 16.93
C ARG B 4 11.11 -6.23 16.33
N LYS B 5 11.44 -7.05 15.34
CA LYS B 5 10.46 -7.98 14.78
C LYS B 5 10.92 -9.40 15.03
N CYS B 6 10.02 -10.34 14.82
CA CYS B 6 10.44 -11.72 14.68
C CYS B 6 9.64 -12.24 13.50
N PRO B 7 10.09 -11.87 12.31
CA PRO B 7 9.27 -11.72 11.12
C PRO B 7 8.52 -12.99 10.77
N LYS B 8 9.12 -14.14 11.09
CA LYS B 8 8.52 -15.42 10.72
C LYS B 8 7.11 -15.52 11.25
N CYS B 9 6.92 -15.23 12.54
CA CYS B 9 5.58 -15.22 13.14
C CYS B 9 5.00 -13.81 13.22
N GLY B 10 5.78 -12.85 12.73
CA GLY B 10 5.34 -11.45 12.54
C GLY B 10 4.77 -10.75 13.76
N ARG B 11 5.63 -10.47 14.73
CA ARG B 11 5.21 -9.83 15.96
C ARG B 11 6.29 -8.82 16.37
N TYR B 12 5.89 -7.57 16.63
CA TYR B 12 6.82 -6.54 17.09
C TYR B 12 6.94 -6.60 18.59
N THR B 13 8.03 -6.10 19.12
CA THR B 13 8.34 -6.25 20.52
C THR B 13 9.67 -5.63 20.77
N LEU B 14 9.91 -5.19 21.99
CA LEU B 14 11.24 -4.69 22.28
C LEU B 14 12.19 -5.78 22.83
N LYS B 15 11.68 -7.00 23.00
CA LYS B 15 12.47 -8.07 23.65
C LYS B 15 13.37 -8.78 22.64
N GLU B 16 14.09 -9.82 23.09
CA GLU B 16 15.05 -10.51 22.25
C GLU B 16 14.51 -11.78 21.55
N VAL B 17 13.42 -12.30 22.09
CA VAL B 17 12.71 -13.51 21.63
C VAL B 17 11.21 -13.36 21.70
N CYS B 18 10.50 -14.12 20.88
CA CYS B 18 9.05 -14.12 20.88
C CYS B 18 8.65 -15.48 21.40
N PRO B 19 8.28 -15.54 22.69
CA PRO B 19 8.33 -16.82 23.38
C PRO B 19 7.24 -17.72 22.83
N VAL B 20 6.10 -17.09 22.55
CA VAL B 20 4.95 -17.60 21.79
C VAL B 20 5.27 -18.54 20.65
N CYS B 21 6.50 -18.48 20.14
CA CYS B 21 6.84 -19.26 18.96
C CYS B 21 8.33 -19.50 18.87
N GLY B 22 9.04 -18.96 19.87
CA GLY B 22 10.49 -19.16 20.05
C GLY B 22 11.34 -18.87 18.83
N GLU B 23 11.27 -17.62 18.38
CA GLU B 23 12.08 -17.12 17.28
C GLU B 23 12.78 -15.89 17.84
N LYS B 24 14.10 -15.76 17.67
CA LYS B 24 14.84 -14.59 18.18
C LYS B 24 14.46 -13.37 17.37
N THR B 25 14.57 -12.19 17.94
CA THR B 25 14.16 -10.98 17.22
C THR B 25 15.28 -10.24 16.57
N LYS B 26 14.98 -9.76 15.35
CA LYS B 26 15.85 -8.87 14.60
C LYS B 26 15.31 -7.43 14.70
N VAL B 27 16.16 -6.44 14.47
CA VAL B 27 15.74 -5.05 14.63
C VAL B 27 14.72 -4.69 13.57
N ALA B 28 13.72 -3.90 13.91
CA ALA B 28 12.61 -3.67 12.98
C ALA B 28 12.98 -2.82 11.79
N HIS B 29 13.69 -1.74 12.06
CA HIS B 29 13.97 -0.63 11.12
C HIS B 29 15.15 -0.91 10.16
N PRO B 30 14.84 -1.59 9.01
CA PRO B 30 15.56 -2.30 7.94
C PRO B 30 16.76 -1.60 7.41
N PRO B 31 17.78 -2.35 7.04
CA PRO B 31 19.16 -1.93 6.89
C PRO B 31 19.27 -0.66 6.09
N ARG B 32 20.02 0.32 6.59
CA ARG B 32 20.15 1.59 5.89
C ARG B 32 20.73 1.45 4.47
N PHE B 33 20.50 2.45 3.62
CA PHE B 33 20.96 2.37 2.24
C PHE B 33 21.50 3.72 1.75
N SER B 34 22.61 3.62 1.02
CA SER B 34 23.23 4.74 0.30
C SER B 34 23.45 4.30 -1.13
N PRO B 35 23.12 5.17 -2.11
CA PRO B 35 23.24 4.81 -3.52
C PRO B 35 24.64 4.36 -3.85
N GLU B 36 25.60 4.82 -3.05
CA GLU B 36 26.96 4.30 -3.13
C GLU B 36 26.82 2.79 -3.17
N ASP B 37 26.28 2.23 -2.08
CA ASP B 37 26.14 0.80 -1.89
C ASP B 37 27.47 0.11 -2.09
N PRO B 38 28.42 0.32 -1.16
CA PRO B 38 29.60 -0.51 -1.20
C PRO B 38 29.10 -1.81 -0.66
N TYR B 39 29.92 -2.82 -0.56
CA TYR B 39 29.41 -4.16 -0.22
C TYR B 39 28.41 -4.62 -1.28
N GLY B 40 28.18 -3.78 -2.27
CA GLY B 40 27.21 -4.10 -3.32
C GLY B 40 27.50 -5.43 -4.01
N GLU B 41 28.66 -5.53 -4.62
CA GLU B 41 28.95 -6.75 -5.33
C GLU B 41 29.33 -7.81 -4.33
N TYR B 42 29.81 -7.37 -3.17
CA TYR B 42 30.31 -8.26 -2.16
C TYR B 42 29.17 -9.07 -1.59
N ARG B 43 28.04 -8.42 -1.38
CA ARG B 43 26.82 -9.11 -0.96
C ARG B 43 26.21 -9.89 -2.12
N ARG B 44 26.21 -9.28 -3.31
CA ARG B 44 25.65 -9.95 -4.48
C ARG B 44 26.20 -11.36 -4.65
N ARG B 45 27.50 -11.51 -4.40
CA ARG B 45 28.11 -12.81 -4.53
C ARG B 45 27.58 -13.74 -3.49
N TRP B 46 27.35 -13.24 -2.28
CA TRP B 46 26.81 -14.08 -1.21
C TRP B 46 25.40 -14.56 -1.54
N LYS B 47 24.63 -13.74 -2.24
CA LYS B 47 23.27 -14.12 -2.63
C LYS B 47 23.27 -15.12 -3.78
N ARG B 48 23.96 -14.75 -4.87
CA ARG B 48 24.13 -15.65 -6.00
C ARG B 48 24.39 -17.08 -5.52
N GLU B 49 25.03 -17.19 -4.36
CA GLU B 49 25.39 -18.46 -3.77
C GLU B 49 24.19 -19.25 -3.27
N VAL B 50 23.33 -18.62 -2.49
CA VAL B 50 22.19 -19.34 -1.91
C VAL B 50 21.06 -19.60 -2.89
N LEU B 51 21.28 -19.20 -4.15
CA LEU B 51 20.31 -19.41 -5.23
C LEU B 51 20.90 -20.27 -6.35
N GLY B 52 22.20 -20.16 -6.54
CA GLY B 52 22.90 -20.91 -7.58
C GLY B 52 23.04 -20.14 -8.88
N ILE B 53 23.17 -18.82 -8.75
CA ILE B 53 23.24 -17.92 -9.90
C ILE B 53 24.68 -17.80 -10.44
#